data_9BE2
#
_entry.id   9BE2
#
_cell.length_a   85.124
_cell.length_b   85.124
_cell.length_c   113.797
_cell.angle_alpha   90.00
_cell.angle_beta   90.00
_cell.angle_gamma   90.00
#
_symmetry.space_group_name_H-M   'P 43 2 2'
#
_entity_poly.entity_id   1
_entity_poly.type   'polypeptide(L)'
_entity_poly.pdbx_seq_one_letter_code
;GSHMSLDINQIALHQLIKRDEQNLELVLRDSLLEPTETVVEMVAELHRVYSAKNKAYGLFSEESELAQTLRLQRQGEEDF
LAFSRAATGRLRDELAKYPFADGGFVLFCHYRYLAVEYLLVAVLSNLSSMRVNENLDINPTHYLDINHADIVARIDLTEW
ETNPESTRYLTFLKGRVGRKVADFFMDFLGASEGLNAKAQNRGLLQAVDDFTAEAQLDKAERQNVRQQVYSYCNEQLQAG
EEIELKSLSKELAGVSEVSFTEFAAEKGYELEESFPADRSTLRQLTKFAGSGGGLTINFDAMLLGERIFWDPATDTLTIK
GTPPNLRDQLQRRTSGGN
;
_entity_poly.pdbx_strand_id   A
#
# COMPACT_ATOMS: atom_id res chain seq x y z
N MET A 4 -21.55 14.41 -0.83
CA MET A 4 -20.09 14.24 -0.85
C MET A 4 -19.34 15.03 -1.96
N SER A 5 -18.04 14.74 -2.11
CA SER A 5 -17.18 15.38 -3.10
C SER A 5 -16.71 14.38 -4.15
N LEU A 6 -17.50 13.34 -4.44
CA LEU A 6 -17.14 12.32 -5.44
C LEU A 6 -18.34 12.06 -6.34
N ASP A 7 -18.08 11.70 -7.61
CA ASP A 7 -19.14 11.44 -8.58
C ASP A 7 -18.96 10.04 -9.17
N ILE A 8 -20.06 9.32 -9.28
CA ILE A 8 -20.07 7.92 -9.68
C ILE A 8 -20.48 7.87 -11.15
N ASN A 9 -19.51 7.73 -12.05
CA ASN A 9 -19.78 7.66 -13.48
C ASN A 9 -20.72 6.53 -13.86
N GLN A 10 -20.24 5.31 -13.65
CA GLN A 10 -20.96 4.05 -13.98
C GLN A 10 -20.70 3.04 -12.85
N ILE A 11 -21.60 2.09 -12.67
CA ILE A 11 -21.48 1.10 -11.59
C ILE A 11 -22.12 -0.21 -12.04
N ALA A 12 -21.41 -1.32 -11.79
CA ALA A 12 -21.91 -2.65 -12.14
C ALA A 12 -21.72 -3.64 -11.01
N LEU A 13 -22.51 -4.71 -11.05
CA LEU A 13 -22.42 -5.68 -9.97
C LEU A 13 -22.65 -7.08 -10.51
N HIS A 14 -21.71 -7.96 -10.23
CA HIS A 14 -21.86 -9.33 -10.66
C HIS A 14 -21.46 -10.21 -9.48
N GLN A 15 -21.98 -11.46 -9.47
CA GLN A 15 -21.79 -12.43 -8.39
C GLN A 15 -21.10 -13.67 -8.93
N LEU A 16 -20.18 -14.21 -8.14
CA LEU A 16 -19.65 -15.56 -8.33
C LEU A 16 -20.07 -16.43 -7.14
N ILE A 17 -20.51 -17.66 -7.42
CA ILE A 17 -20.93 -18.60 -6.38
C ILE A 17 -20.29 -19.94 -6.69
N LYS A 18 -20.00 -20.72 -5.64
CA LYS A 18 -19.45 -22.05 -5.86
C LYS A 18 -20.47 -23.09 -5.48
N ARG A 19 -20.65 -24.05 -6.37
CA ARG A 19 -21.53 -25.18 -6.11
C ARG A 19 -20.80 -26.33 -5.45
N ASP A 20 -19.63 -26.70 -5.97
CA ASP A 20 -18.89 -27.76 -5.34
C ASP A 20 -17.51 -27.24 -4.94
N GLU A 21 -16.54 -27.16 -5.85
CA GLU A 21 -15.21 -26.60 -5.60
C GLU A 21 -14.70 -25.68 -6.69
N GLN A 22 -14.70 -26.16 -7.94
CA GLN A 22 -14.25 -25.40 -9.09
C GLN A 22 -15.45 -24.89 -9.92
N ASN A 23 -16.65 -25.05 -9.37
CA ASN A 23 -17.87 -24.62 -10.02
C ASN A 23 -18.23 -23.22 -9.54
N LEU A 24 -17.44 -22.24 -10.00
CA LEU A 24 -17.73 -20.84 -9.77
C LEU A 24 -18.66 -20.36 -10.89
N GLU A 25 -19.93 -20.66 -10.72
CA GLU A 25 -20.93 -20.22 -11.69
C GLU A 25 -21.00 -18.71 -11.67
N LEU A 26 -21.11 -18.12 -12.86
CA LEU A 26 -21.17 -16.66 -12.96
C LEU A 26 -22.62 -16.20 -12.95
N VAL A 27 -22.83 -14.98 -12.48
CA VAL A 27 -24.19 -14.47 -12.29
C VAL A 27 -24.34 -13.09 -12.97
N LEU A 28 -23.77 -12.93 -14.17
CA LEU A 28 -23.71 -11.67 -14.94
C LEU A 28 -25.01 -10.87 -14.97
N ARG A 29 -24.89 -9.58 -14.64
CA ARG A 29 -26.02 -8.68 -14.37
C ARG A 29 -26.72 -8.26 -15.64
N ASP A 30 -28.05 -8.43 -15.65
CA ASP A 30 -28.83 -8.09 -16.82
C ASP A 30 -28.70 -6.60 -17.16
N SER A 31 -28.31 -5.77 -16.17
CA SER A 31 -28.10 -4.34 -16.37
C SER A 31 -26.95 -3.84 -15.50
N LEU A 32 -26.25 -2.82 -16.00
CA LEU A 32 -25.42 -2.00 -15.13
C LEU A 32 -26.27 -1.53 -13.95
N LEU A 33 -25.90 -1.95 -12.76
CA LEU A 33 -26.52 -1.40 -11.56
C LEU A 33 -26.53 0.11 -11.64
N GLU A 34 -27.68 0.71 -11.33
CA GLU A 34 -27.75 2.17 -11.42
C GLU A 34 -26.95 2.80 -10.29
N PRO A 35 -26.52 4.06 -10.46
CA PRO A 35 -25.83 4.77 -9.37
C PRO A 35 -26.77 5.21 -8.25
N THR A 36 -27.40 4.26 -7.57
CA THR A 36 -28.38 4.53 -6.54
C THR A 36 -27.72 5.27 -5.37
N GLU A 37 -28.55 5.68 -4.41
CA GLU A 37 -28.00 6.37 -3.25
C GLU A 37 -27.30 5.40 -2.32
N THR A 38 -27.80 4.18 -2.26
CA THR A 38 -27.23 3.15 -1.37
C THR A 38 -25.81 2.75 -1.78
N VAL A 39 -25.52 2.82 -3.09
CA VAL A 39 -24.18 2.62 -3.63
C VAL A 39 -23.24 3.72 -3.17
N VAL A 40 -23.76 4.94 -2.94
CA VAL A 40 -22.89 6.08 -2.71
C VAL A 40 -21.98 5.82 -1.52
N GLU A 41 -22.57 5.77 -0.32
CA GLU A 41 -21.76 5.62 0.89
C GLU A 41 -20.97 4.31 0.90
N MET A 42 -21.40 3.30 0.16
CA MET A 42 -20.61 2.08 0.02
C MET A 42 -19.29 2.34 -0.68
N VAL A 43 -19.34 2.81 -1.94
CA VAL A 43 -18.13 3.09 -2.70
C VAL A 43 -17.31 4.19 -2.06
N ALA A 44 -17.98 5.16 -1.41
CA ALA A 44 -17.28 6.19 -0.68
C ALA A 44 -16.42 5.60 0.44
N GLU A 45 -16.95 4.60 1.15
CA GLU A 45 -16.15 3.96 2.19
C GLU A 45 -15.00 3.14 1.59
N LEU A 46 -15.23 2.54 0.41
CA LEU A 46 -14.19 1.81 -0.29
C LEU A 46 -12.98 2.70 -0.62
N HIS A 47 -13.23 3.88 -1.18
CA HIS A 47 -12.12 4.75 -1.57
C HIS A 47 -11.33 5.29 -0.39
N ARG A 48 -11.98 5.58 0.74
CA ARG A 48 -11.22 6.02 1.91
C ARG A 48 -10.27 4.92 2.33
N VAL A 49 -10.80 3.70 2.43
CA VAL A 49 -10.06 2.62 3.05
C VAL A 49 -8.87 2.24 2.19
N TYR A 50 -9.10 2.13 0.87
CA TYR A 50 -7.98 1.84 -0.02
C TYR A 50 -6.91 2.95 0.10
N SER A 51 -7.35 4.21 0.13
CA SER A 51 -6.43 5.33 0.12
C SER A 51 -5.61 5.41 1.39
N ALA A 52 -5.97 4.62 2.40
CA ALA A 52 -5.09 4.43 3.55
C ALA A 52 -4.14 3.23 3.38
N LYS A 53 -4.65 2.09 2.86
CA LYS A 53 -3.89 0.85 2.83
C LYS A 53 -2.65 0.93 1.94
N ASN A 54 -1.64 0.12 2.28
CA ASN A 54 -0.48 0.05 1.40
C ASN A 54 -0.87 -0.52 0.06
N LYS A 55 -0.09 -0.21 -0.98
CA LYS A 55 -0.49 -0.63 -2.31
C LYS A 55 0.71 -1.21 -3.07
N ALA A 56 0.53 -1.45 -4.36
CA ALA A 56 1.63 -1.85 -5.23
C ALA A 56 1.51 -1.08 -6.54
N TYR A 57 2.57 -1.17 -7.37
CA TYR A 57 2.62 -0.30 -8.53
C TYR A 57 3.32 -1.01 -9.67
N GLY A 58 2.90 -0.63 -10.86
CA GLY A 58 3.42 -1.21 -12.08
C GLY A 58 2.68 -0.64 -13.26
N LEU A 59 3.05 -1.11 -14.44
CA LEU A 59 2.41 -0.73 -15.68
C LEU A 59 2.08 -1.99 -16.45
N PHE A 60 1.16 -1.87 -17.41
CA PHE A 60 0.66 -3.01 -18.18
C PHE A 60 1.75 -3.56 -19.11
N SER A 61 1.34 -4.51 -19.96
CA SER A 61 2.20 -5.12 -20.96
C SER A 61 1.63 -4.96 -22.35
N GLU A 62 2.53 -5.06 -23.35
CA GLU A 62 2.10 -5.00 -24.75
C GLU A 62 1.05 -6.08 -25.02
N GLU A 63 1.19 -7.20 -24.32
CA GLU A 63 0.26 -8.33 -24.34
C GLU A 63 -0.77 -8.22 -23.22
N SER A 64 -1.08 -7.02 -22.77
CA SER A 64 -1.98 -6.91 -21.63
C SER A 64 -3.35 -7.36 -22.05
N GLU A 65 -3.74 -8.58 -21.67
CA GLU A 65 -4.98 -9.17 -22.15
C GLU A 65 -6.21 -8.49 -21.58
N LEU A 66 -6.07 -7.55 -20.66
CA LEU A 66 -7.24 -6.81 -20.28
C LEU A 66 -7.12 -5.35 -20.70
N ALA A 67 -5.89 -4.87 -20.93
CA ALA A 67 -5.69 -3.48 -21.29
C ALA A 67 -6.33 -3.16 -22.62
N GLN A 68 -6.04 -3.96 -23.65
CA GLN A 68 -6.56 -3.64 -24.96
C GLN A 68 -8.06 -3.93 -25.10
N THR A 69 -8.66 -4.57 -24.08
CA THR A 69 -10.12 -4.65 -24.01
C THR A 69 -10.72 -3.37 -23.43
N LEU A 70 -9.97 -2.68 -22.56
CA LEU A 70 -10.33 -1.36 -22.02
C LEU A 70 -9.84 -0.21 -22.90
N ARG A 71 -8.64 -0.32 -23.49
CA ARG A 71 -8.12 0.67 -24.43
C ARG A 71 -9.13 0.98 -25.52
N LEU A 72 -10.10 0.10 -25.73
CA LEU A 72 -11.22 0.29 -26.65
C LEU A 72 -12.52 0.66 -25.93
N GLN A 73 -12.69 0.21 -24.69
CA GLN A 73 -13.86 0.60 -23.90
C GLN A 73 -13.84 2.11 -23.62
N ARG A 74 -12.66 2.65 -23.31
CA ARG A 74 -12.51 4.07 -23.03
C ARG A 74 -12.75 4.94 -24.25
N GLN A 75 -12.73 4.34 -25.44
CA GLN A 75 -13.03 5.03 -26.68
C GLN A 75 -14.53 5.08 -26.96
N GLY A 76 -15.34 4.39 -26.15
CA GLY A 76 -16.77 4.39 -26.34
C GLY A 76 -17.28 3.30 -27.25
N GLU A 77 -16.59 2.15 -27.31
CA GLU A 77 -16.92 1.01 -28.15
C GLU A 77 -17.59 -0.14 -27.39
N GLU A 78 -17.01 -0.54 -26.26
CA GLU A 78 -17.61 -1.53 -25.37
C GLU A 78 -18.36 -0.79 -24.29
N ASP A 79 -19.60 -1.22 -24.04
CA ASP A 79 -20.38 -0.70 -22.93
C ASP A 79 -19.71 -1.05 -21.59
N PHE A 80 -19.99 -0.25 -20.57
CA PHE A 80 -19.51 -0.61 -19.24
C PHE A 80 -20.05 -1.97 -18.83
N LEU A 81 -21.35 -2.19 -19.03
CA LEU A 81 -21.91 -3.52 -18.83
C LEU A 81 -21.20 -4.53 -19.71
N ALA A 82 -21.02 -4.19 -20.99
CA ALA A 82 -20.29 -5.07 -21.89
C ALA A 82 -18.85 -5.27 -21.43
N PHE A 83 -18.31 -4.29 -20.72
CA PHE A 83 -16.97 -4.48 -20.18
C PHE A 83 -16.97 -5.04 -18.75
N SER A 84 -17.95 -4.67 -17.92
CA SER A 84 -18.11 -5.34 -16.63
C SER A 84 -18.55 -6.79 -16.80
N ARG A 85 -19.01 -7.18 -17.99
CA ARG A 85 -19.28 -8.58 -18.31
C ARG A 85 -18.00 -9.35 -18.64
N ALA A 86 -17.20 -8.86 -19.59
CA ALA A 86 -15.99 -9.57 -20.01
C ALA A 86 -14.91 -9.55 -18.94
N ALA A 87 -14.88 -8.50 -18.13
CA ALA A 87 -13.98 -8.49 -16.99
C ALA A 87 -14.39 -9.52 -15.96
N THR A 88 -15.67 -9.55 -15.57
CA THR A 88 -16.12 -10.45 -14.50
C THR A 88 -16.01 -11.93 -14.88
N GLY A 89 -16.28 -12.29 -16.13
CA GLY A 89 -16.11 -13.67 -16.53
C GLY A 89 -14.68 -14.14 -16.46
N ARG A 90 -13.75 -13.36 -17.08
CA ARG A 90 -12.33 -13.71 -17.02
C ARG A 90 -11.77 -13.55 -15.62
N LEU A 91 -12.60 -13.19 -14.65
CA LEU A 91 -12.16 -13.20 -13.27
C LEU A 91 -12.20 -14.61 -12.73
N ARG A 92 -13.33 -15.29 -12.91
CA ARG A 92 -13.42 -16.64 -12.41
C ARG A 92 -12.29 -17.50 -12.98
N ASP A 93 -11.99 -17.33 -14.26
CA ASP A 93 -10.96 -18.13 -14.89
C ASP A 93 -9.57 -17.88 -14.28
N GLU A 94 -9.42 -16.83 -13.47
CA GLU A 94 -8.18 -16.57 -12.76
C GLU A 94 -8.25 -16.87 -11.26
N LEU A 95 -9.45 -17.11 -10.72
CA LEU A 95 -9.66 -17.53 -9.34
C LEU A 95 -10.05 -19.00 -9.20
N ALA A 96 -10.71 -19.56 -10.22
CA ALA A 96 -11.10 -20.95 -10.15
C ALA A 96 -9.93 -21.92 -10.20
N LYS A 97 -8.69 -21.42 -10.27
CA LYS A 97 -7.48 -22.21 -10.04
C LYS A 97 -7.08 -22.26 -8.57
N TYR A 98 -7.92 -21.71 -7.70
CA TYR A 98 -7.80 -21.77 -6.23
C TYR A 98 -9.07 -22.44 -5.73
N PRO A 99 -9.04 -23.74 -5.38
CA PRO A 99 -10.31 -24.45 -5.11
C PRO A 99 -10.99 -23.94 -3.86
N PHE A 100 -10.19 -23.57 -2.87
CA PHE A 100 -10.68 -23.14 -1.58
C PHE A 100 -11.20 -21.74 -1.70
N ALA A 101 -12.00 -21.47 -2.73
CA ALA A 101 -12.41 -20.10 -3.05
C ALA A 101 -13.88 -19.96 -2.71
N ASP A 102 -14.19 -19.07 -1.78
CA ASP A 102 -15.57 -18.79 -1.42
C ASP A 102 -16.28 -18.13 -2.61
N GLY A 103 -17.61 -18.05 -2.50
CA GLY A 103 -18.38 -17.19 -3.37
C GLY A 103 -18.23 -15.75 -2.95
N GLY A 104 -18.78 -14.86 -3.77
CA GLY A 104 -18.73 -13.43 -3.51
C GLY A 104 -19.02 -12.61 -4.75
N PHE A 105 -19.20 -11.30 -4.53
CA PHE A 105 -19.62 -10.34 -5.54
C PHE A 105 -18.43 -9.59 -6.15
N VAL A 106 -18.64 -9.03 -7.35
CA VAL A 106 -17.58 -8.38 -8.10
C VAL A 106 -18.10 -7.00 -8.48
N LEU A 107 -17.63 -5.97 -7.76
CA LEU A 107 -18.04 -4.58 -7.89
C LEU A 107 -17.25 -3.88 -8.99
N PHE A 108 -17.91 -2.96 -9.71
CA PHE A 108 -17.20 -2.20 -10.73
C PHE A 108 -17.67 -0.76 -10.67
N CYS A 109 -17.05 0.04 -9.82
CA CYS A 109 -17.45 1.44 -9.71
C CYS A 109 -16.48 2.25 -10.55
N HIS A 110 -17.01 2.87 -11.60
CA HIS A 110 -16.32 3.91 -12.34
C HIS A 110 -16.70 5.23 -11.69
N TYR A 111 -15.71 6.05 -11.38
CA TYR A 111 -16.04 7.30 -10.70
C TYR A 111 -14.94 8.31 -10.90
N ARG A 112 -15.27 9.57 -10.71
CA ARG A 112 -14.26 10.60 -10.72
C ARG A 112 -14.21 11.20 -9.32
N TYR A 113 -13.04 11.74 -8.97
CA TYR A 113 -12.88 12.25 -7.61
C TYR A 113 -11.71 13.23 -7.65
N LEU A 114 -12.04 14.52 -7.56
CA LEU A 114 -11.06 15.59 -7.38
C LEU A 114 -9.97 15.53 -8.47
N ALA A 115 -10.44 15.69 -9.71
CA ALA A 115 -9.62 15.85 -10.90
C ALA A 115 -9.08 14.52 -11.39
N VAL A 116 -9.22 13.44 -10.63
CA VAL A 116 -8.76 12.11 -11.06
C VAL A 116 -9.98 11.20 -11.20
N GLU A 117 -10.07 10.55 -12.36
CA GLU A 117 -11.10 9.55 -12.69
C GLU A 117 -10.53 8.17 -12.46
N TYR A 118 -11.23 7.38 -11.67
CA TYR A 118 -10.79 6.10 -11.16
C TYR A 118 -11.75 5.00 -11.57
N LEU A 119 -11.25 3.78 -11.65
CA LEU A 119 -12.13 2.65 -11.87
C LEU A 119 -11.83 1.59 -10.82
N LEU A 120 -12.80 1.39 -9.94
CA LEU A 120 -12.62 0.58 -8.74
C LEU A 120 -13.13 -0.82 -9.03
N VAL A 121 -12.39 -1.82 -8.57
CA VAL A 121 -12.74 -3.22 -8.73
C VAL A 121 -12.64 -3.90 -7.38
N ALA A 122 -13.78 -4.35 -6.86
CA ALA A 122 -13.88 -4.81 -5.48
C ALA A 122 -14.62 -6.14 -5.48
N VAL A 123 -13.95 -7.19 -4.98
CA VAL A 123 -14.55 -8.50 -4.76
C VAL A 123 -14.80 -8.64 -3.27
N LEU A 124 -16.03 -8.50 -2.85
CA LEU A 124 -16.27 -8.45 -1.42
C LEU A 124 -16.59 -9.87 -0.94
N SER A 125 -15.76 -10.35 -0.03
CA SER A 125 -16.15 -11.55 0.68
C SER A 125 -17.53 -11.26 1.23
N ASN A 126 -18.42 -12.21 1.07
CA ASN A 126 -19.77 -12.10 1.56
C ASN A 126 -19.94 -12.83 2.88
N LEU A 127 -20.20 -12.07 3.94
CA LEU A 127 -20.46 -12.59 5.28
C LEU A 127 -21.95 -12.73 5.51
N SER A 128 -22.30 -13.25 6.69
CA SER A 128 -23.69 -13.45 7.02
C SER A 128 -23.84 -13.33 8.51
N SER A 129 -24.96 -12.76 8.95
CA SER A 129 -25.21 -12.57 10.37
C SER A 129 -26.70 -12.33 10.56
N MET A 130 -27.09 -12.01 11.79
CA MET A 130 -28.50 -11.95 12.15
C MET A 130 -29.01 -10.51 12.09
N ARG A 131 -29.65 -10.17 10.96
CA ARG A 131 -30.46 -8.97 10.85
C ARG A 131 -31.49 -8.91 11.96
N VAL A 132 -31.84 -7.69 12.37
CA VAL A 132 -32.93 -7.49 13.32
C VAL A 132 -33.90 -6.52 12.69
N ASN A 133 -35.13 -6.98 12.47
CA ASN A 133 -36.22 -6.10 12.11
C ASN A 133 -36.89 -5.60 13.39
N GLU A 134 -38.06 -4.99 13.27
CA GLU A 134 -38.67 -4.30 14.40
C GLU A 134 -38.79 -5.19 15.63
N ASN A 135 -39.70 -6.15 15.62
CA ASN A 135 -40.30 -6.72 16.84
C ASN A 135 -39.84 -8.16 17.09
N LEU A 136 -38.72 -8.35 17.79
CA LEU A 136 -38.22 -9.67 18.24
C LEU A 136 -38.45 -10.76 17.19
N ASP A 137 -38.02 -10.47 15.97
CA ASP A 137 -38.14 -11.32 14.78
C ASP A 137 -36.75 -11.48 14.12
N ILE A 138 -35.77 -11.90 14.94
CA ILE A 138 -34.36 -12.04 14.57
C ILE A 138 -34.21 -12.89 13.32
N ASN A 139 -33.73 -12.29 12.24
CA ASN A 139 -33.67 -13.03 11.00
C ASN A 139 -32.23 -13.29 10.61
N PRO A 140 -31.98 -14.26 9.78
CA PRO A 140 -30.65 -14.33 9.17
C PRO A 140 -30.57 -13.41 7.95
N THR A 141 -29.51 -12.60 7.84
CA THR A 141 -29.28 -11.76 6.67
C THR A 141 -27.83 -11.86 6.21
N HIS A 142 -27.58 -11.30 5.03
CA HIS A 142 -26.24 -11.12 4.50
C HIS A 142 -25.88 -9.63 4.50
N TYR A 143 -24.59 -9.34 4.66
CA TYR A 143 -24.05 -8.01 4.43
C TYR A 143 -22.74 -8.18 3.69
N LEU A 144 -21.97 -7.11 3.62
CA LEU A 144 -20.77 -7.14 2.82
C LEU A 144 -19.54 -6.93 3.69
N ASP A 145 -18.45 -7.52 3.24
CA ASP A 145 -17.17 -7.30 3.90
C ASP A 145 -16.70 -5.93 3.47
N ILE A 146 -17.04 -4.88 4.24
CA ILE A 146 -16.69 -3.51 3.88
C ILE A 146 -15.57 -2.96 4.75
N ASN A 147 -15.20 -3.64 5.82
CA ASN A 147 -14.08 -3.15 6.61
C ASN A 147 -12.85 -4.02 6.47
N HIS A 148 -12.99 -5.22 5.91
CA HIS A 148 -11.88 -6.17 5.88
C HIS A 148 -11.76 -6.85 4.52
N ALA A 149 -12.21 -6.20 3.46
CA ALA A 149 -12.11 -6.77 2.13
C ALA A 149 -10.73 -6.46 1.56
N ASP A 150 -9.89 -7.49 1.43
CA ASP A 150 -8.49 -7.32 1.04
C ASP A 150 -8.24 -7.86 -0.38
N ILE A 151 -9.29 -7.99 -1.18
CA ILE A 151 -9.16 -8.44 -2.57
C ILE A 151 -9.73 -7.32 -3.44
N VAL A 152 -8.90 -6.34 -3.84
CA VAL A 152 -9.34 -4.99 -4.31
C VAL A 152 -8.25 -4.34 -5.16
N ALA A 153 -8.67 -3.64 -6.24
CA ALA A 153 -7.72 -2.81 -7.01
C ALA A 153 -8.41 -1.67 -7.74
N ARG A 154 -7.59 -0.69 -8.15
CA ARG A 154 -8.16 0.49 -8.78
C ARG A 154 -7.15 1.07 -9.76
N ILE A 155 -7.58 1.35 -11.00
CA ILE A 155 -6.67 1.91 -11.99
C ILE A 155 -6.82 3.42 -12.00
N ASP A 156 -5.67 4.11 -12.10
CA ASP A 156 -5.60 5.56 -12.18
C ASP A 156 -5.79 5.96 -13.62
N LEU A 157 -7.05 6.13 -14.00
CA LEU A 157 -7.33 6.30 -15.40
C LEU A 157 -6.66 7.56 -15.94
N THR A 158 -6.76 8.67 -15.21
CA THR A 158 -6.49 9.95 -15.85
C THR A 158 -4.99 10.13 -16.13
N GLU A 159 -4.14 9.63 -15.23
CA GLU A 159 -2.70 9.65 -15.45
C GLU A 159 -2.23 8.47 -16.31
N TRP A 160 -3.14 7.57 -16.68
CA TRP A 160 -2.79 6.48 -17.59
C TRP A 160 -3.03 6.88 -19.05
N GLU A 161 -4.10 7.64 -19.28
CA GLU A 161 -4.41 8.16 -20.61
C GLU A 161 -3.62 9.41 -20.96
N THR A 162 -2.89 9.99 -20.00
CA THR A 162 -2.05 11.15 -20.23
C THR A 162 -0.57 10.82 -20.18
N ASN A 163 -0.11 10.13 -19.12
CA ASN A 163 1.28 9.69 -19.08
C ASN A 163 1.40 8.24 -19.53
N PRO A 164 2.04 7.92 -20.70
CA PRO A 164 2.16 6.52 -21.11
C PRO A 164 3.24 5.78 -20.35
N GLU A 165 4.32 6.47 -20.01
CA GLU A 165 5.49 5.84 -19.38
C GLU A 165 5.41 5.79 -17.86
N SER A 166 4.31 6.28 -17.27
CA SER A 166 4.08 6.18 -15.84
C SER A 166 3.95 4.71 -15.41
N THR A 167 4.41 4.43 -14.20
CA THR A 167 4.49 3.07 -13.67
C THR A 167 3.66 2.91 -12.42
N ARG A 168 2.60 3.67 -12.31
CA ARG A 168 1.81 3.73 -11.10
C ARG A 168 0.35 3.54 -11.38
N TYR A 169 -0.12 3.75 -12.61
CA TYR A 169 -1.53 3.91 -12.93
C TYR A 169 -2.25 2.61 -12.67
N LEU A 170 -1.52 1.65 -12.15
CA LEU A 170 -1.95 0.27 -11.99
C LEU A 170 -1.62 -0.05 -10.53
N THR A 171 -2.60 -0.01 -9.63
CA THR A 171 -2.33 -0.27 -8.21
C THR A 171 -3.28 -1.32 -7.66
N PHE A 172 -2.81 -2.03 -6.62
CA PHE A 172 -3.57 -3.08 -5.94
C PHE A 172 -2.93 -3.38 -4.59
N LEU A 173 -3.71 -4.02 -3.71
CA LEU A 173 -3.22 -4.38 -2.39
C LEU A 173 -2.32 -5.61 -2.45
N LYS A 174 -1.28 -5.61 -1.62
CA LYS A 174 -0.46 -6.79 -1.43
C LYS A 174 -0.97 -7.55 -0.22
N GLY A 175 -0.81 -8.87 -0.24
CA GLY A 175 -1.17 -9.66 0.92
C GLY A 175 -0.28 -9.33 2.12
N ARG A 176 -0.89 -9.39 3.32
CA ARG A 176 -0.18 -9.03 4.55
C ARG A 176 0.93 -10.03 4.89
N VAL A 177 0.62 -11.33 4.79
CA VAL A 177 1.60 -12.35 5.08
C VAL A 177 2.29 -12.63 3.76
N GLY A 178 1.53 -13.14 2.80
CA GLY A 178 2.09 -13.59 1.52
C GLY A 178 2.02 -12.50 0.46
N ARG A 179 3.07 -12.44 -0.36
CA ARG A 179 3.04 -11.66 -1.59
C ARG A 179 2.42 -12.50 -2.68
N LYS A 180 1.26 -13.06 -2.37
CA LYS A 180 0.56 -13.91 -3.31
C LYS A 180 -0.69 -13.27 -3.88
N VAL A 181 -1.39 -12.45 -3.10
CA VAL A 181 -2.52 -11.70 -3.65
C VAL A 181 -2.03 -10.71 -4.68
N ALA A 182 -0.77 -10.29 -4.56
CA ALA A 182 -0.14 -9.50 -5.61
C ALA A 182 -0.09 -10.29 -6.92
N ASP A 183 0.30 -11.56 -6.85
CA ASP A 183 0.37 -12.34 -8.07
C ASP A 183 -1.01 -12.71 -8.59
N PHE A 184 -2.02 -12.73 -7.73
CA PHE A 184 -3.38 -12.92 -8.21
C PHE A 184 -3.83 -11.80 -9.11
N PHE A 185 -3.41 -10.59 -8.80
CA PHE A 185 -3.83 -9.44 -9.56
C PHE A 185 -2.99 -9.21 -10.79
N MET A 186 -1.70 -9.55 -10.77
CA MET A 186 -0.82 -9.15 -11.86
C MET A 186 -1.14 -9.97 -13.12
N ASP A 187 -1.35 -11.29 -12.95
CA ASP A 187 -1.85 -12.15 -14.02
C ASP A 187 -3.29 -11.86 -14.39
N PHE A 188 -4.07 -11.27 -13.47
CA PHE A 188 -5.44 -10.85 -13.77
C PHE A 188 -5.50 -9.61 -14.69
N LEU A 189 -4.38 -8.93 -14.90
CA LEU A 189 -4.32 -7.67 -15.63
C LEU A 189 -3.26 -7.72 -16.70
N GLY A 190 -2.16 -8.35 -16.35
CA GLY A 190 -0.97 -8.36 -17.20
C GLY A 190 -0.15 -7.13 -16.94
N ALA A 191 0.37 -7.01 -15.71
CA ALA A 191 1.14 -5.86 -15.24
C ALA A 191 2.49 -6.29 -14.69
N SER A 192 3.51 -5.49 -15.01
CA SER A 192 4.85 -5.73 -14.53
C SER A 192 5.07 -5.06 -13.18
N GLU A 193 5.95 -5.64 -12.39
CA GLU A 193 6.37 -4.95 -11.19
C GLU A 193 7.20 -3.76 -11.63
N GLY A 194 6.71 -2.56 -11.34
CA GLY A 194 7.51 -1.40 -11.59
C GLY A 194 7.94 -0.73 -10.31
N LEU A 195 7.24 0.35 -9.98
CA LEU A 195 7.53 1.14 -8.78
C LEU A 195 7.29 0.30 -7.54
N ASN A 196 8.36 -0.10 -6.87
CA ASN A 196 8.28 -0.76 -5.57
C ASN A 196 8.48 0.26 -4.45
N ALA A 197 7.54 0.29 -3.51
CA ALA A 197 7.57 1.27 -2.42
C ALA A 197 8.81 1.09 -1.54
N LYS A 198 9.07 -0.15 -1.07
CA LYS A 198 10.32 -0.41 -0.36
C LYS A 198 11.53 -0.04 -1.20
N ALA A 199 11.45 -0.25 -2.51
CA ALA A 199 12.61 -0.01 -3.38
C ALA A 199 13.07 1.44 -3.33
N GLN A 200 12.14 2.36 -3.10
CA GLN A 200 12.43 3.80 -3.13
C GLN A 200 12.84 4.35 -1.76
N ASN A 201 12.16 3.91 -0.69
CA ASN A 201 12.62 4.28 0.64
C ASN A 201 13.98 3.68 0.92
N ARG A 202 14.15 2.38 0.66
CA ARG A 202 15.49 1.82 0.79
C ARG A 202 16.47 2.66 0.00
N GLY A 203 16.06 3.13 -1.17
CA GLY A 203 16.86 3.95 -2.03
C GLY A 203 16.93 5.39 -1.62
N LEU A 204 16.23 5.74 -0.55
CA LEU A 204 16.33 7.12 -0.10
C LEU A 204 17.59 7.31 0.73
N LEU A 205 17.82 6.43 1.70
CA LEU A 205 18.90 6.63 2.67
C LEU A 205 20.29 6.47 2.05
N GLN A 206 20.45 5.57 1.06
CA GLN A 206 21.74 5.38 0.42
C GLN A 206 22.18 6.62 -0.35
N ALA A 207 21.30 7.59 -0.55
CA ALA A 207 21.69 8.88 -1.07
C ALA A 207 21.80 9.96 0.02
N VAL A 208 21.12 9.80 1.17
CA VAL A 208 21.30 10.72 2.30
C VAL A 208 22.67 10.53 2.96
N ASP A 209 23.13 9.28 3.10
CA ASP A 209 24.48 9.08 3.61
C ASP A 209 25.54 9.60 2.65
N ASP A 210 25.31 9.41 1.35
CA ASP A 210 26.20 10.01 0.36
C ASP A 210 26.09 11.53 0.31
N PHE A 211 25.12 12.13 1.02
CA PHE A 211 24.92 13.59 1.11
C PHE A 211 25.54 14.19 2.38
N THR A 212 25.37 13.56 3.54
CA THR A 212 26.11 14.03 4.70
C THR A 212 27.58 13.58 4.70
N ALA A 213 28.04 12.88 3.64
CA ALA A 213 29.44 12.47 3.46
C ALA A 213 30.19 13.24 2.37
N GLU A 214 29.47 13.91 1.45
CA GLU A 214 30.03 15.00 0.66
C GLU A 214 30.16 16.26 1.50
N ALA A 215 29.12 16.56 2.28
CA ALA A 215 29.15 17.66 3.22
C ALA A 215 30.25 17.47 4.25
N GLN A 216 30.55 16.22 4.59
CA GLN A 216 31.59 15.91 5.55
C GLN A 216 31.27 16.57 6.90
N LEU A 217 30.21 16.07 7.51
CA LEU A 217 29.66 16.58 8.76
C LEU A 217 29.91 15.62 9.89
N ASP A 218 29.37 15.98 11.06
CA ASP A 218 29.56 15.26 12.30
C ASP A 218 28.22 14.71 12.80
N LYS A 219 28.28 14.13 14.02
CA LYS A 219 27.11 13.46 14.57
C LYS A 219 25.96 14.44 14.76
N ALA A 220 26.24 15.64 15.24
CA ALA A 220 25.18 16.60 15.48
C ALA A 220 24.50 16.95 14.17
N GLU A 221 25.28 17.43 13.20
CA GLU A 221 24.71 17.88 11.93
C GLU A 221 24.17 16.73 11.08
N ARG A 222 24.86 15.57 11.08
CA ARG A 222 24.43 14.49 10.18
C ARG A 222 23.17 13.80 10.68
N GLN A 223 23.09 13.54 11.99
CA GLN A 223 21.89 12.92 12.55
C GLN A 223 20.66 13.81 12.39
N ASN A 224 20.83 15.12 12.58
CA ASN A 224 19.70 16.04 12.43
C ASN A 224 19.16 16.03 11.01
N VAL A 225 20.05 15.93 10.00
CA VAL A 225 19.61 15.68 8.63
C VAL A 225 18.76 14.42 8.58
N ARG A 226 19.28 13.31 9.11
CA ARG A 226 18.48 12.09 9.18
C ARG A 226 17.22 12.29 10.01
N GLN A 227 17.32 13.04 11.11
CA GLN A 227 16.12 13.29 11.89
C GLN A 227 15.16 14.20 11.12
N GLN A 228 15.68 15.26 10.47
CA GLN A 228 14.82 16.09 9.63
C GLN A 228 14.07 15.25 8.61
N VAL A 229 14.78 14.31 7.96
CA VAL A 229 14.14 13.45 6.97
C VAL A 229 13.00 12.68 7.62
N TYR A 230 13.19 12.26 8.87
CA TYR A 230 12.12 11.51 9.52
C TYR A 230 10.96 12.40 9.89
N SER A 231 11.23 13.57 10.46
CA SER A 231 10.16 14.49 10.86
C SER A 231 9.27 14.82 9.69
N TYR A 232 9.87 14.97 8.52
CA TYR A 232 9.10 15.14 7.30
C TYR A 232 8.35 13.87 6.96
N CYS A 233 9.04 12.75 6.83
CA CYS A 233 8.35 11.59 6.29
C CYS A 233 7.20 11.16 7.17
N ASN A 234 7.38 11.17 8.48
CA ASN A 234 6.33 10.57 9.28
C ASN A 234 5.08 11.44 9.29
N GLU A 235 5.23 12.76 9.20
CA GLU A 235 4.06 13.65 9.14
C GLU A 235 3.29 13.50 7.83
N GLN A 236 3.94 13.00 6.78
CA GLN A 236 3.21 12.56 5.59
C GLN A 236 2.55 11.22 5.80
N LEU A 237 3.14 10.37 6.65
CA LEU A 237 2.62 9.03 6.82
C LEU A 237 1.27 9.04 7.53
N GLN A 238 1.12 9.91 8.53
CA GLN A 238 -0.13 10.05 9.23
C GLN A 238 -1.05 11.08 8.59
N ALA A 239 -0.87 11.37 7.29
CA ALA A 239 -1.75 12.29 6.60
C ALA A 239 -2.29 11.76 5.27
N GLY A 240 -1.92 10.55 4.86
CA GLY A 240 -2.37 10.03 3.58
C GLY A 240 -1.71 10.66 2.38
N GLU A 241 -0.62 11.40 2.59
CA GLU A 241 0.10 12.13 1.56
C GLU A 241 1.44 11.47 1.29
N GLU A 242 1.91 11.59 0.06
CA GLU A 242 3.14 10.94 -0.39
C GLU A 242 4.39 11.78 -0.08
N ILE A 243 5.54 11.18 -0.36
CA ILE A 243 6.83 11.83 -0.21
C ILE A 243 7.11 12.60 -1.48
N GLU A 244 7.06 13.93 -1.41
CA GLU A 244 7.47 14.78 -2.53
C GLU A 244 8.98 14.91 -2.53
N LEU A 245 9.61 14.51 -3.64
CA LEU A 245 11.05 14.69 -3.77
C LEU A 245 11.44 16.17 -3.67
N LYS A 246 10.65 17.04 -4.30
CA LYS A 246 10.96 18.48 -4.29
C LYS A 246 10.82 19.05 -2.88
N SER A 247 9.65 18.89 -2.24
CA SER A 247 9.45 19.39 -0.88
C SER A 247 10.55 18.91 0.05
N LEU A 248 10.94 17.64 -0.10
CA LEU A 248 12.07 17.11 0.66
C LEU A 248 13.34 17.91 0.43
N SER A 249 13.53 18.44 -0.78
CA SER A 249 14.79 19.11 -1.05
C SER A 249 14.85 20.49 -0.40
N LYS A 250 13.73 21.25 -0.39
CA LYS A 250 13.76 22.59 0.20
C LYS A 250 14.12 22.54 1.67
N GLU A 251 13.42 21.72 2.47
CA GLU A 251 13.72 21.61 3.91
C GLU A 251 15.11 21.04 4.17
N LEU A 252 15.74 20.64 3.06
CA LEU A 252 17.05 19.94 3.00
C LEU A 252 18.07 20.71 2.16
N ALA A 253 17.64 21.67 1.35
CA ALA A 253 18.54 22.52 0.57
C ALA A 253 19.27 23.47 1.49
N GLY A 254 20.39 23.98 1.01
CA GLY A 254 21.28 24.67 1.91
C GLY A 254 21.94 23.76 2.91
N VAL A 255 22.22 22.53 2.48
CA VAL A 255 23.05 21.52 3.22
C VAL A 255 24.25 21.50 2.30
N SER A 256 24.15 20.70 1.23
CA SER A 256 25.01 20.94 0.09
C SER A 256 24.43 22.17 -0.60
N GLU A 257 25.32 22.98 -1.16
CA GLU A 257 24.86 24.17 -1.84
C GLU A 257 23.88 23.78 -2.95
N VAL A 258 24.19 22.70 -3.65
CA VAL A 258 23.30 22.19 -4.67
C VAL A 258 22.12 21.50 -4.01
N SER A 259 20.97 21.53 -4.67
CA SER A 259 19.78 20.89 -4.16
C SER A 259 19.99 19.38 -4.09
N PHE A 260 19.02 18.70 -3.49
CA PHE A 260 19.09 17.24 -3.36
C PHE A 260 18.55 16.52 -4.59
N THR A 261 17.48 17.03 -5.20
CA THR A 261 16.93 16.38 -6.41
C THR A 261 17.93 16.43 -7.56
N GLU A 262 18.62 17.56 -7.72
CA GLU A 262 19.73 17.62 -8.66
C GLU A 262 20.83 16.64 -8.27
N PHE A 263 21.11 16.52 -6.96
CA PHE A 263 22.15 15.61 -6.48
C PHE A 263 21.79 14.14 -6.72
N ALA A 264 20.52 13.81 -7.01
CA ALA A 264 20.13 12.45 -7.36
C ALA A 264 19.82 12.30 -8.85
N ALA A 265 19.69 13.41 -9.58
CA ALA A 265 19.42 13.38 -11.01
C ALA A 265 20.70 13.48 -11.84
N GLU A 266 21.70 14.25 -11.37
CA GLU A 266 22.99 14.28 -12.06
C GLU A 266 23.82 13.04 -11.71
N LYS A 267 23.69 12.54 -10.47
CA LYS A 267 24.04 11.15 -10.14
C LYS A 267 23.02 10.16 -10.69
N GLY A 268 21.89 10.66 -11.19
CA GLY A 268 20.94 9.86 -11.93
C GLY A 268 20.28 8.79 -11.10
N TYR A 269 20.15 9.01 -9.80
CA TYR A 269 19.56 7.98 -8.95
C TYR A 269 18.07 7.87 -9.27
N GLU A 270 17.65 6.63 -9.52
CA GLU A 270 16.37 6.39 -10.17
C GLU A 270 15.20 6.48 -9.20
N LEU A 271 15.13 7.57 -8.43
CA LEU A 271 14.00 7.83 -7.56
C LEU A 271 13.07 8.85 -8.19
N GLU A 272 11.79 8.51 -8.27
CA GLU A 272 10.88 9.37 -9.00
C GLU A 272 10.54 10.59 -8.15
N GLU A 273 9.60 11.37 -8.65
CA GLU A 273 9.18 12.58 -7.96
C GLU A 273 8.49 12.28 -6.63
N SER A 274 7.57 11.31 -6.62
CA SER A 274 6.83 10.96 -5.41
C SER A 274 6.98 9.50 -5.11
N PHE A 275 6.81 9.15 -3.84
CA PHE A 275 6.66 7.75 -3.46
C PHE A 275 6.16 7.68 -2.02
N PRO A 276 5.39 6.66 -1.67
CA PRO A 276 5.01 6.44 -0.27
C PRO A 276 6.21 6.18 0.65
N ALA A 277 5.90 6.27 1.95
CA ALA A 277 6.87 6.30 3.04
C ALA A 277 6.77 4.96 3.77
N ASP A 278 7.74 4.08 3.54
CA ASP A 278 7.76 2.76 4.16
C ASP A 278 8.26 2.90 5.60
N ARG A 279 7.38 2.65 6.58
CA ARG A 279 7.74 2.96 7.95
C ARG A 279 8.88 2.08 8.44
N SER A 280 8.92 0.81 8.03
CA SER A 280 10.00 -0.07 8.47
C SER A 280 11.35 0.44 7.98
N THR A 281 11.39 0.93 6.74
CA THR A 281 12.64 1.47 6.21
C THR A 281 13.01 2.79 6.87
N LEU A 282 12.01 3.59 7.24
CA LEU A 282 12.28 4.96 7.64
C LEU A 282 12.54 5.14 9.14
N ARG A 283 12.42 4.10 9.95
CA ARG A 283 12.83 4.25 11.35
C ARG A 283 14.33 4.25 11.50
N GLN A 284 15.05 3.48 10.67
CA GLN A 284 16.50 3.37 10.75
C GLN A 284 17.21 4.74 10.77
N LEU A 285 16.51 5.79 10.34
CA LEU A 285 17.05 7.13 10.51
C LEU A 285 17.32 7.40 11.98
N THR A 286 16.31 7.18 12.83
CA THR A 286 16.32 7.51 14.25
C THR A 286 15.99 6.38 15.21
N LYS A 287 15.55 5.21 14.76
CA LYS A 287 15.19 4.15 15.70
C LYS A 287 15.74 2.83 15.17
N PHE A 288 16.16 1.93 16.05
CA PHE A 288 16.82 0.71 15.61
C PHE A 288 16.06 -0.52 16.11
N ALA A 289 16.57 -1.70 15.76
CA ALA A 289 16.01 -2.99 16.16
C ALA A 289 16.94 -4.09 15.69
N GLY A 290 16.62 -5.31 16.07
CA GLY A 290 17.41 -6.46 15.65
C GLY A 290 16.76 -7.75 16.10
N SER A 291 17.13 -8.83 15.42
CA SER A 291 16.47 -10.13 15.64
C SER A 291 17.52 -11.23 15.48
N GLY A 292 17.86 -11.90 16.57
CA GLY A 292 18.72 -13.06 16.46
C GLY A 292 18.86 -13.83 17.77
N GLY A 293 18.66 -15.14 17.73
CA GLY A 293 18.75 -15.94 18.95
C GLY A 293 17.68 -15.64 19.98
N GLY A 294 16.44 -15.31 19.56
CA GLY A 294 15.37 -14.93 20.45
C GLY A 294 15.48 -13.53 21.01
N LEU A 295 16.67 -12.94 20.92
CA LEU A 295 16.97 -11.60 21.39
C LEU A 295 16.53 -10.55 20.38
N THR A 296 15.84 -9.54 20.89
CA THR A 296 15.39 -8.44 20.06
C THR A 296 15.49 -7.15 20.84
N ILE A 297 16.05 -6.15 20.17
CA ILE A 297 16.29 -4.87 20.78
C ILE A 297 15.55 -3.85 19.92
N ASN A 298 15.49 -2.62 20.43
CA ASN A 298 15.05 -1.44 19.69
C ASN A 298 15.29 -0.21 20.56
N PHE A 299 15.69 0.89 19.93
CA PHE A 299 16.08 2.07 20.71
C PHE A 299 16.28 3.27 19.80
N ASP A 300 16.24 4.45 20.43
CA ASP A 300 16.48 5.72 19.76
C ASP A 300 17.96 5.92 19.48
N ALA A 301 18.28 6.32 18.25
CA ALA A 301 19.66 6.35 17.80
C ALA A 301 20.48 7.45 18.45
N MET A 302 19.88 8.35 19.22
CA MET A 302 20.70 9.35 19.91
C MET A 302 21.35 8.80 21.18
N LEU A 303 21.16 7.51 21.44
CA LEU A 303 21.95 6.78 22.43
C LEU A 303 23.35 6.43 21.91
N LEU A 304 23.64 6.64 20.62
CA LEU A 304 24.99 6.45 20.09
C LEU A 304 26.02 7.24 20.88
N GLY A 305 26.91 6.52 21.58
CA GLY A 305 27.98 7.15 22.29
C GLY A 305 27.65 7.70 23.65
N GLU A 306 26.36 7.72 24.03
CA GLU A 306 25.88 8.32 25.27
C GLU A 306 25.44 7.31 26.32
N ARG A 307 24.59 6.35 25.96
CA ARG A 307 24.31 5.21 26.83
C ARG A 307 24.92 3.94 26.29
N ILE A 308 24.63 3.61 25.04
CA ILE A 308 24.82 2.26 24.49
C ILE A 308 25.93 2.26 23.45
N PHE A 309 26.92 1.40 23.67
CA PHE A 309 28.21 1.42 22.98
C PHE A 309 28.43 0.10 22.25
N TRP A 310 29.24 0.12 21.17
CA TRP A 310 29.53 -1.11 20.44
C TRP A 310 30.97 -1.09 19.95
N ASP A 311 31.67 -2.20 20.15
CA ASP A 311 33.03 -2.36 19.65
C ASP A 311 32.96 -3.31 18.48
N PRO A 312 33.17 -2.84 17.25
CA PRO A 312 32.80 -3.64 16.08
C PRO A 312 33.72 -4.83 15.86
N ALA A 313 34.99 -4.73 16.27
CA ALA A 313 35.87 -5.87 16.06
C ALA A 313 35.27 -7.09 16.72
N THR A 314 34.97 -6.98 18.01
CA THR A 314 34.45 -8.07 18.84
C THR A 314 32.92 -8.25 18.75
N ASP A 315 32.24 -7.40 17.97
CA ASP A 315 30.77 -7.37 17.88
C ASP A 315 30.13 -7.50 19.25
N THR A 316 30.55 -6.61 20.13
CA THR A 316 30.14 -6.59 21.54
C THR A 316 29.36 -5.34 21.84
N LEU A 317 28.22 -5.51 22.48
CA LEU A 317 27.29 -4.41 22.70
C LEU A 317 27.25 -4.02 24.18
N THR A 318 27.59 -2.77 24.50
CA THR A 318 27.73 -2.34 25.88
C THR A 318 26.63 -1.37 26.27
N ILE A 319 25.96 -1.62 27.39
CA ILE A 319 24.81 -0.79 27.77
C ILE A 319 24.92 -0.37 29.24
N LYS A 320 24.71 0.93 29.49
CA LYS A 320 24.80 1.51 30.82
C LYS A 320 23.42 2.03 31.24
N GLY A 321 22.95 1.62 32.43
CA GLY A 321 21.67 2.08 32.91
C GLY A 321 20.47 1.40 32.29
N THR A 322 20.24 0.13 32.60
CA THR A 322 19.08 -0.65 32.15
C THR A 322 17.75 0.06 32.46
N PRO A 323 16.69 -0.15 31.67
CA PRO A 323 15.39 0.43 32.01
C PRO A 323 14.96 -0.02 33.40
N PRO A 324 14.48 0.90 34.24
CA PRO A 324 14.00 0.45 35.56
C PRO A 324 12.92 -0.64 35.45
N ASN A 325 12.16 -0.71 34.35
CA ASN A 325 11.21 -1.81 34.18
C ASN A 325 11.94 -3.15 34.20
N LEU A 326 12.88 -3.35 33.27
CA LEU A 326 13.73 -4.54 33.28
C LEU A 326 14.64 -4.60 34.51
N ARG A 327 15.16 -3.45 34.94
CA ARG A 327 16.02 -3.43 36.11
C ARG A 327 15.34 -4.07 37.30
N ASP A 328 14.03 -3.89 37.42
CA ASP A 328 13.26 -4.60 38.45
C ASP A 328 13.19 -6.09 38.19
N GLN A 329 13.19 -6.50 36.91
CA GLN A 329 13.18 -7.93 36.63
C GLN A 329 14.49 -8.59 37.06
N LEU A 330 15.63 -7.99 36.73
CA LEU A 330 16.90 -8.67 37.02
C LEU A 330 17.23 -8.70 38.49
N GLN A 331 16.54 -7.91 39.32
CA GLN A 331 16.87 -7.99 40.72
C GLN A 331 16.41 -9.34 41.27
N ARG A 332 15.58 -10.02 40.49
CA ARG A 332 14.88 -11.26 40.91
C ARG A 332 15.65 -12.57 40.63
N ARG A 333 16.52 -12.59 39.62
CA ARG A 333 17.29 -13.76 39.23
C ARG A 333 18.64 -13.91 39.90
N THR A 334 19.14 -12.87 40.53
CA THR A 334 20.52 -12.85 41.01
C THR A 334 20.64 -12.51 42.49
N SER A 335 19.92 -11.46 42.89
CA SER A 335 19.88 -11.00 44.32
C SER A 335 19.39 -12.19 45.14
N GLY A 336 18.21 -12.72 44.79
CA GLY A 336 17.65 -13.91 45.44
C GLY A 336 18.14 -15.14 44.72
N GLY A 337 19.45 -15.42 44.76
CA GLY A 337 20.13 -16.17 43.70
C GLY A 337 21.54 -16.62 44.07
N ASN A 338 21.65 -17.69 44.87
CA ASN A 338 22.92 -18.34 45.29
C ASN A 338 22.58 -19.61 46.09
#